data_2DQ7
#
_entry.id   2DQ7
#
_cell.length_a   52.962
_cell.length_b   52.962
_cell.length_c   210.989
_cell.angle_alpha   90.00
_cell.angle_beta   90.00
_cell.angle_gamma   120.00
#
_symmetry.space_group_name_H-M   'P 32 2 1'
#
loop_
_entity.id
_entity.type
_entity.pdbx_description
1 polymer 'Proto-oncogene tyrosine-protein kinase Fyn'
2 non-polymer STAUROSPORINE
3 water water
#
_entity_poly.entity_id   1
_entity_poly.type   'polypeptide(L)'
_entity_poly.pdbx_seq_one_letter_code
;KDVWEIPRESLQLIKRLGNGQFGEVWMGTWNGNTKVAIKTLKPGTMSPESFLEEAQIMKKLKHDKLVQLYAVVSEEPIYI
VTEYMNKGSLLDFLKDGEGRALKLPNLVDMAAQVAAGMAYIERMNYIHRDLRSANILVGNGLICKIADFGLARLIEDNE
(PTR)TARQGAKFPIKWTAPEAALYGRFTIKSDVWSFGILLTELVTKGRVPYPGMNNREVLEQVERGYRMPCPQDCPISL
HELMIHCWKKDPEERPTFEYLQSFLEDYFTATEPQYQPGENLHHHHHH
;
_entity_poly.pdbx_strand_id   X
#
loop_
_chem_comp.id
_chem_comp.type
_chem_comp.name
_chem_comp.formula
STU non-polymer STAUROSPORINE 'C28 H26 N4 O3'
#
# COMPACT_ATOMS: atom_id res chain seq x y z
N LYS A 1 -1.84 21.68 -24.19
CA LYS A 1 -2.76 21.22 -23.11
C LYS A 1 -2.16 20.03 -22.35
N ASP A 2 -2.71 19.76 -21.16
CA ASP A 2 -2.23 18.66 -20.33
C ASP A 2 -2.29 17.32 -21.06
N VAL A 3 -1.18 16.58 -21.00
CA VAL A 3 -1.05 15.28 -21.64
C VAL A 3 -1.88 14.17 -20.99
N TRP A 4 -2.12 14.31 -19.69
CA TRP A 4 -2.91 13.35 -18.93
C TRP A 4 -4.40 13.67 -18.87
N GLU A 5 -4.75 14.91 -19.21
CA GLU A 5 -6.15 15.33 -19.19
C GLU A 5 -6.99 14.52 -20.16
N ILE A 6 -8.21 14.22 -19.73
CA ILE A 6 -9.18 13.45 -20.49
C ILE A 6 -10.59 13.99 -20.26
N PRO A 7 -11.47 13.81 -21.25
CA PRO A 7 -12.89 14.22 -21.30
C PRO A 7 -13.76 13.21 -20.53
N ARG A 8 -14.50 13.67 -19.53
CA ARG A 8 -15.35 12.76 -18.75
C ARG A 8 -16.34 12.00 -19.65
N GLU A 9 -16.40 12.37 -20.92
CA GLU A 9 -17.30 11.71 -21.86
C GLU A 9 -16.82 10.32 -22.22
N SER A 10 -15.49 10.16 -22.32
CA SER A 10 -14.92 8.86 -22.66
C SER A 10 -14.89 7.85 -21.52
N LEU A 11 -15.38 8.27 -20.34
CA LEU A 11 -15.42 7.37 -19.19
C LEU A 11 -16.85 6.92 -18.91
N GLN A 12 -17.04 5.62 -18.78
CA GLN A 12 -18.35 5.07 -18.51
C GLN A 12 -18.32 4.24 -17.23
N LEU A 13 -18.56 4.89 -16.10
CA LEU A 13 -18.56 4.22 -14.79
C LEU A 13 -19.58 3.09 -14.81
N ILE A 14 -19.20 1.92 -14.31
CA ILE A 14 -20.13 0.80 -14.32
C ILE A 14 -20.28 0.10 -12.97
N LYS A 15 -19.34 0.31 -12.06
CA LYS A 15 -19.45 -0.36 -10.77
C LYS A 15 -18.55 0.16 -9.66
N ARG A 16 -19.13 0.37 -8.48
CA ARG A 16 -18.39 0.85 -7.33
C ARG A 16 -17.43 -0.25 -6.85
N LEU A 17 -16.15 0.10 -6.68
CA LEU A 17 -15.15 -0.86 -6.24
C LEU A 17 -14.78 -0.70 -4.77
N GLY A 18 -14.84 0.54 -4.29
CA GLY A 18 -14.47 0.78 -2.90
C GLY A 18 -14.78 2.20 -2.48
N ASN A 19 -14.45 2.52 -1.24
CA ASN A 19 -14.72 3.85 -0.70
C ASN A 19 -13.46 4.57 -0.24
N GLY A 20 -13.66 5.79 0.23
CA GLY A 20 -12.56 6.60 0.72
C GLY A 20 -13.12 7.77 1.51
N GLN A 21 -12.30 8.35 2.38
CA GLN A 21 -12.71 9.48 3.18
C GLN A 21 -12.96 10.70 2.28
N PHE A 22 -12.31 10.70 1.12
CA PHE A 22 -12.43 11.79 0.17
C PHE A 22 -13.12 11.43 -1.14
N GLY A 23 -13.44 10.16 -1.31
CA GLY A 23 -14.08 9.76 -2.55
C GLY A 23 -14.36 8.29 -2.63
N GLU A 24 -15.05 7.92 -3.70
CA GLU A 24 -15.45 6.54 -3.95
C GLU A 24 -14.73 6.02 -5.21
N VAL A 25 -14.18 4.81 -5.17
CA VAL A 25 -13.51 4.31 -6.37
C VAL A 25 -14.44 3.43 -7.18
N TRP A 26 -14.44 3.67 -8.49
CA TRP A 26 -15.28 2.94 -9.40
C TRP A 26 -14.57 2.20 -10.52
N MET A 27 -15.32 1.29 -11.12
CA MET A 27 -14.84 0.48 -12.21
C MET A 27 -15.63 1.00 -13.40
N GLY A 28 -14.96 1.15 -14.53
CA GLY A 28 -15.65 1.65 -15.70
C GLY A 28 -14.76 1.53 -16.89
N THR A 29 -15.26 1.89 -18.06
CA THR A 29 -14.42 1.80 -19.24
C THR A 29 -14.06 3.16 -19.82
N TRP A 30 -12.97 3.17 -20.58
CA TRP A 30 -12.47 4.36 -21.21
C TRP A 30 -12.47 4.13 -22.69
N ASN A 31 -13.14 5.02 -23.42
CA ASN A 31 -13.24 4.93 -24.87
C ASN A 31 -13.76 3.58 -25.30
N GLY A 32 -14.72 3.08 -24.53
CA GLY A 32 -15.36 1.81 -24.82
C GLY A 32 -14.57 0.53 -24.98
N ASN A 33 -13.27 0.52 -24.71
CA ASN A 33 -12.53 -0.73 -24.88
C ASN A 33 -11.45 -1.10 -23.85
N THR A 34 -11.20 -0.24 -22.87
CA THR A 34 -10.19 -0.55 -21.89
C THR A 34 -10.75 -0.47 -20.47
N LYS A 35 -10.63 -1.54 -19.70
CA LYS A 35 -11.12 -1.56 -18.34
C LYS A 35 -10.22 -0.65 -17.50
N VAL A 36 -10.83 0.26 -16.74
CA VAL A 36 -10.11 1.19 -15.90
C VAL A 36 -10.75 1.29 -14.52
N ALA A 37 -10.06 1.98 -13.62
CA ALA A 37 -10.52 2.19 -12.26
C ALA A 37 -10.51 3.69 -12.08
N ILE A 38 -11.60 4.24 -11.56
CA ILE A 38 -11.66 5.67 -11.37
C ILE A 38 -11.72 6.09 -9.91
N LYS A 39 -10.71 6.80 -9.46
CA LYS A 39 -10.68 7.25 -8.08
C LYS A 39 -11.24 8.67 -8.01
N THR A 40 -12.54 8.77 -7.81
CA THR A 40 -13.20 10.07 -7.74
C THR A 40 -13.02 10.78 -6.40
N LEU A 41 -13.33 12.07 -6.42
CA LEU A 41 -13.23 12.93 -5.23
C LEU A 41 -14.61 13.49 -4.95
N LYS A 42 -15.09 13.29 -3.72
CA LYS A 42 -16.39 13.78 -3.30
C LYS A 42 -16.29 15.30 -3.22
N PRO A 43 -17.15 16.03 -3.94
CA PRO A 43 -17.13 17.50 -3.94
C PRO A 43 -16.84 18.27 -2.65
N GLY A 44 -17.75 18.29 -1.69
CA GLY A 44 -17.47 19.07 -0.48
C GLY A 44 -16.43 18.52 0.47
N THR A 45 -15.69 17.52 0.01
CA THR A 45 -14.68 16.84 0.82
C THR A 45 -13.28 17.47 0.90
N MET A 46 -12.48 17.29 -0.15
CA MET A 46 -11.14 17.83 -0.17
C MET A 46 -10.93 18.79 -1.34
N SER A 47 -9.91 19.62 -1.23
CA SER A 47 -9.57 20.58 -2.26
C SER A 47 -9.12 19.87 -3.54
N PRO A 48 -9.67 20.27 -4.70
CA PRO A 48 -9.32 19.67 -6.00
C PRO A 48 -7.81 19.67 -6.16
N GLU A 49 -7.19 20.70 -5.60
CA GLU A 49 -5.74 20.88 -5.64
C GLU A 49 -5.08 19.75 -4.88
N SER A 50 -5.62 19.46 -3.69
CA SER A 50 -5.10 18.40 -2.84
C SER A 50 -5.34 17.03 -3.45
N PHE A 51 -6.60 16.70 -3.70
CA PHE A 51 -6.90 15.40 -4.27
C PHE A 51 -5.85 15.13 -5.34
N LEU A 52 -5.65 16.11 -6.20
CA LEU A 52 -4.69 16.00 -7.30
C LEU A 52 -3.22 15.80 -6.94
N GLU A 53 -2.87 15.98 -5.67
CA GLU A 53 -1.46 15.80 -5.28
C GLU A 53 -1.08 14.33 -5.46
N GLU A 54 -2.08 13.47 -5.41
CA GLU A 54 -1.84 12.05 -5.57
C GLU A 54 -1.53 11.77 -7.04
N ALA A 55 -2.30 12.40 -7.92
CA ALA A 55 -2.13 12.23 -9.35
C ALA A 55 -0.79 12.79 -9.79
N GLN A 56 -0.37 13.86 -9.13
CA GLN A 56 0.90 14.49 -9.47
C GLN A 56 2.07 13.54 -9.20
N ILE A 57 1.98 12.85 -8.08
CA ILE A 57 3.00 11.88 -7.65
C ILE A 57 2.95 10.68 -8.59
N MET A 58 1.75 10.26 -8.95
CA MET A 58 1.56 9.13 -9.84
C MET A 58 2.18 9.30 -11.23
N LYS A 59 2.19 10.53 -11.73
CA LYS A 59 2.75 10.82 -13.04
C LYS A 59 4.28 10.79 -12.97
N LYS A 60 4.82 10.77 -11.76
CA LYS A 60 6.26 10.75 -11.55
C LYS A 60 6.78 9.35 -11.18
N LEU A 61 5.87 8.46 -10.81
CA LEU A 61 6.25 7.10 -10.42
C LEU A 61 5.69 6.08 -11.42
N LYS A 62 6.58 5.38 -12.10
CA LYS A 62 6.16 4.38 -13.06
C LYS A 62 7.00 3.13 -12.86
N HIS A 63 6.34 2.07 -12.39
CA HIS A 63 6.97 0.79 -12.12
C HIS A 63 5.91 -0.26 -12.42
N ASP A 64 6.33 -1.46 -12.82
CA ASP A 64 5.36 -2.51 -13.12
C ASP A 64 4.61 -3.07 -11.93
N LYS A 65 5.17 -2.93 -10.73
CA LYS A 65 4.51 -3.44 -9.55
C LYS A 65 3.82 -2.29 -8.82
N LEU A 66 3.52 -1.23 -9.56
CA LEU A 66 2.84 -0.06 -9.04
C LEU A 66 1.67 0.28 -9.95
N VAL A 67 0.47 0.37 -9.41
CA VAL A 67 -0.70 0.69 -10.21
C VAL A 67 -0.41 1.94 -11.05
N GLN A 68 -0.56 1.80 -12.37
CA GLN A 68 -0.31 2.90 -13.28
C GLN A 68 -1.47 3.87 -13.52
N LEU A 69 -1.10 5.14 -13.62
CA LEU A 69 -2.06 6.23 -13.86
C LEU A 69 -2.31 6.29 -15.37
N TYR A 70 -3.57 6.37 -15.77
CA TYR A 70 -3.91 6.44 -17.19
C TYR A 70 -4.24 7.87 -17.61
N ALA A 71 -4.99 8.56 -16.77
CA ALA A 71 -5.35 9.94 -17.10
C ALA A 71 -5.97 10.61 -15.88
N VAL A 72 -6.42 11.83 -16.07
CA VAL A 72 -7.05 12.60 -15.01
C VAL A 72 -8.07 13.55 -15.63
N VAL A 73 -9.18 13.74 -14.94
CA VAL A 73 -10.25 14.63 -15.37
C VAL A 73 -10.18 15.71 -14.28
N SER A 74 -9.46 16.79 -14.61
CA SER A 74 -9.26 17.93 -13.70
C SER A 74 -10.41 18.85 -13.32
N GLU A 75 -11.59 18.61 -13.86
CA GLU A 75 -12.73 19.44 -13.54
C GLU A 75 -13.59 18.67 -12.54
N GLU A 76 -14.16 19.40 -11.61
CA GLU A 76 -15.02 18.82 -10.57
C GLU A 76 -16.24 18.12 -11.16
N PRO A 77 -16.50 16.88 -10.72
CA PRO A 77 -15.71 16.14 -9.74
C PRO A 77 -14.42 15.57 -10.35
N ILE A 78 -13.32 15.69 -9.63
CA ILE A 78 -12.03 15.19 -10.10
C ILE A 78 -12.02 13.70 -10.34
N TYR A 79 -11.17 13.26 -11.27
CA TYR A 79 -11.03 11.85 -11.60
C TYR A 79 -9.56 11.46 -11.77
N ILE A 80 -9.21 10.28 -11.29
CA ILE A 80 -7.85 9.79 -11.39
C ILE A 80 -8.08 8.44 -12.07
N VAL A 81 -7.87 8.37 -13.37
CA VAL A 81 -8.07 7.14 -14.07
C VAL A 81 -6.81 6.31 -14.05
N THR A 82 -6.94 5.05 -13.62
CA THR A 82 -5.78 4.16 -13.55
C THR A 82 -6.05 2.74 -14.02
N GLU A 83 -4.99 1.96 -14.02
CA GLU A 83 -5.05 0.57 -14.43
C GLU A 83 -6.01 -0.21 -13.53
N TYR A 84 -6.80 -1.10 -14.14
CA TYR A 84 -7.77 -1.93 -13.42
C TYR A 84 -7.21 -3.29 -13.03
N MET A 85 -7.30 -3.64 -11.75
CA MET A 85 -6.81 -4.91 -11.26
C MET A 85 -7.98 -5.88 -11.00
N ASN A 86 -8.03 -6.96 -11.78
CA ASN A 86 -9.10 -7.96 -11.66
C ASN A 86 -9.42 -8.50 -10.28
N LYS A 87 -8.46 -9.21 -9.69
CA LYS A 87 -8.59 -9.83 -8.38
C LYS A 87 -8.93 -8.93 -7.19
N GLY A 88 -8.70 -7.65 -7.33
CA GLY A 88 -8.99 -6.72 -6.24
C GLY A 88 -7.95 -6.77 -5.11
N SER A 89 -8.36 -6.28 -3.94
CA SER A 89 -7.51 -6.21 -2.76
C SER A 89 -6.84 -7.52 -2.36
N LEU A 90 -5.56 -7.41 -2.02
CA LEU A 90 -4.79 -8.57 -1.60
C LEU A 90 -5.40 -9.12 -0.33
N LEU A 91 -5.86 -8.22 0.53
CA LEU A 91 -6.50 -8.59 1.79
C LEU A 91 -7.66 -9.55 1.56
N ASP A 92 -8.60 -9.13 0.71
CA ASP A 92 -9.77 -9.93 0.38
C ASP A 92 -9.48 -11.13 -0.52
N PHE A 93 -8.33 -11.11 -1.18
CA PHE A 93 -7.95 -12.20 -2.06
C PHE A 93 -7.52 -13.38 -1.20
N LEU A 94 -6.97 -13.05 -0.03
CA LEU A 94 -6.49 -14.04 0.93
C LEU A 94 -7.63 -14.56 1.81
N LYS A 95 -8.62 -13.71 2.07
CA LYS A 95 -9.78 -14.05 2.89
C LYS A 95 -10.82 -14.99 2.25
N ASP A 96 -10.41 -15.78 1.26
CA ASP A 96 -11.36 -16.68 0.61
C ASP A 96 -10.78 -18.08 0.36
N GLY A 97 -10.83 -18.51 -0.91
CA GLY A 97 -10.33 -19.83 -1.27
C GLY A 97 -9.51 -19.83 -2.54
N GLU A 98 -9.61 -18.75 -3.31
CA GLU A 98 -8.89 -18.57 -4.56
C GLU A 98 -7.41 -18.34 -4.26
N GLY A 99 -7.13 -17.26 -3.56
CA GLY A 99 -5.76 -16.94 -3.19
C GLY A 99 -5.50 -17.55 -1.83
N ARG A 100 -6.58 -17.94 -1.14
CA ARG A 100 -6.47 -18.54 0.18
C ARG A 100 -5.87 -19.93 0.11
N ALA A 101 -6.21 -20.67 -0.93
CA ALA A 101 -5.70 -22.01 -1.08
C ALA A 101 -4.19 -21.92 -1.30
N LEU A 102 -3.75 -20.74 -1.76
CA LEU A 102 -2.35 -20.46 -2.06
C LEU A 102 -1.32 -20.98 -1.06
N LYS A 103 -0.34 -21.71 -1.59
CA LYS A 103 0.73 -22.27 -0.77
C LYS A 103 1.95 -21.36 -0.69
N LEU A 104 2.61 -21.42 0.47
CA LEU A 104 3.80 -20.62 0.78
C LEU A 104 4.62 -20.10 -0.39
N PRO A 105 5.33 -20.99 -1.09
CA PRO A 105 6.15 -20.56 -2.22
C PRO A 105 5.48 -19.51 -3.10
N ASN A 106 4.15 -19.59 -3.16
CA ASN A 106 3.35 -18.66 -3.97
C ASN A 106 3.16 -17.35 -3.26
N LEU A 107 2.90 -17.43 -1.95
CA LEU A 107 2.69 -16.27 -1.11
C LEU A 107 3.99 -15.49 -1.01
N VAL A 108 5.09 -16.22 -0.90
CA VAL A 108 6.40 -15.58 -0.79
C VAL A 108 6.63 -14.81 -2.09
N ASP A 109 6.16 -15.35 -3.20
CA ASP A 109 6.33 -14.71 -4.50
C ASP A 109 5.72 -13.32 -4.51
N MET A 110 4.43 -13.25 -4.19
CA MET A 110 3.72 -11.98 -4.16
C MET A 110 4.42 -11.01 -3.23
N ALA A 111 4.97 -11.50 -2.13
CA ALA A 111 5.68 -10.65 -1.18
C ALA A 111 6.88 -10.02 -1.86
N ALA A 112 7.61 -10.82 -2.62
CA ALA A 112 8.79 -10.35 -3.34
C ALA A 112 8.39 -9.25 -4.31
N GLN A 113 7.19 -9.39 -4.88
CA GLN A 113 6.69 -8.39 -5.81
C GLN A 113 6.49 -7.07 -5.08
N VAL A 114 5.85 -7.12 -3.91
CA VAL A 114 5.61 -5.89 -3.16
C VAL A 114 6.94 -5.22 -2.72
N ALA A 115 7.98 -6.03 -2.52
CA ALA A 115 9.26 -5.49 -2.11
C ALA A 115 9.90 -4.79 -3.29
N ALA A 116 9.73 -5.35 -4.48
CA ALA A 116 10.31 -4.76 -5.69
C ALA A 116 9.70 -3.37 -5.88
N GLY A 117 8.38 -3.30 -5.77
CA GLY A 117 7.67 -2.04 -5.92
C GLY A 117 8.14 -1.05 -4.88
N MET A 118 8.29 -1.51 -3.65
CA MET A 118 8.76 -0.66 -2.58
C MET A 118 10.19 -0.20 -2.85
N ALA A 119 11.04 -1.13 -3.30
CA ALA A 119 12.42 -0.81 -3.59
C ALA A 119 12.47 0.38 -4.57
N TYR A 120 11.56 0.37 -5.54
CA TYR A 120 11.50 1.44 -6.55
C TYR A 120 11.24 2.78 -5.83
N ILE A 121 10.13 2.81 -5.09
CA ILE A 121 9.72 4.00 -4.34
C ILE A 121 10.91 4.43 -3.50
N GLU A 122 11.66 3.44 -3.01
CA GLU A 122 12.83 3.69 -2.17
C GLU A 122 13.81 4.56 -2.97
N ARG A 123 14.24 4.05 -4.11
CA ARG A 123 15.17 4.76 -4.97
C ARG A 123 14.64 6.15 -5.38
N MET A 124 13.32 6.23 -5.58
CA MET A 124 12.69 7.50 -5.98
C MET A 124 12.61 8.49 -4.86
N ASN A 125 13.04 8.10 -3.67
CA ASN A 125 13.00 8.97 -2.50
C ASN A 125 11.57 9.32 -2.12
N TYR A 126 10.69 8.32 -2.17
CA TYR A 126 9.29 8.50 -1.83
C TYR A 126 8.95 7.66 -0.61
N ILE A 127 7.80 7.94 -0.02
CA ILE A 127 7.36 7.21 1.16
C ILE A 127 5.89 6.94 0.87
N HIS A 128 5.41 5.75 1.22
CA HIS A 128 4.02 5.39 0.97
C HIS A 128 3.18 5.78 2.17
N ARG A 129 3.64 5.38 3.35
CA ARG A 129 2.95 5.66 4.63
C ARG A 129 1.66 4.91 4.90
N ASP A 130 1.26 4.01 4.02
CA ASP A 130 0.03 3.25 4.23
C ASP A 130 0.20 1.91 3.51
N LEU A 131 1.33 1.26 3.78
CA LEU A 131 1.61 -0.02 3.16
C LEU A 131 0.88 -1.13 3.92
N ARG A 132 0.18 -1.99 3.19
CA ARG A 132 -0.55 -3.07 3.82
C ARG A 132 -1.40 -3.87 2.84
N SER A 133 -1.74 -5.09 3.26
CA SER A 133 -2.53 -6.01 2.46
C SER A 133 -3.70 -5.38 1.69
N ALA A 134 -4.53 -4.58 2.38
CA ALA A 134 -5.68 -3.93 1.75
C ALA A 134 -5.30 -2.94 0.63
N ASN A 135 -4.12 -2.36 0.71
CA ASN A 135 -3.69 -1.41 -0.32
C ASN A 135 -2.87 -2.09 -1.44
N ILE A 136 -2.79 -3.42 -1.41
CA ILE A 136 -2.06 -4.13 -2.44
C ILE A 136 -3.11 -4.75 -3.36
N LEU A 137 -3.12 -4.36 -4.62
CA LEU A 137 -4.11 -4.91 -5.54
C LEU A 137 -3.54 -6.08 -6.36
N VAL A 138 -4.36 -7.11 -6.57
CA VAL A 138 -3.97 -8.28 -7.31
C VAL A 138 -4.61 -8.36 -8.69
N GLY A 139 -3.79 -8.54 -9.71
CA GLY A 139 -4.30 -8.64 -11.07
C GLY A 139 -4.24 -10.07 -11.53
N ASN A 140 -4.31 -10.29 -12.84
CA ASN A 140 -4.25 -11.65 -13.36
C ASN A 140 -2.87 -12.29 -13.28
N GLY A 141 -2.85 -13.59 -13.02
CA GLY A 141 -1.59 -14.31 -12.93
C GLY A 141 -0.83 -13.97 -11.67
N LEU A 142 -1.56 -13.82 -10.57
CA LEU A 142 -0.93 -13.50 -9.29
C LEU A 142 -0.02 -12.27 -9.33
N ILE A 143 -0.44 -11.22 -10.02
CA ILE A 143 0.38 -10.02 -10.08
C ILE A 143 -0.06 -9.15 -8.90
N CYS A 144 0.89 -8.51 -8.24
CA CYS A 144 0.58 -7.67 -7.10
C CYS A 144 1.14 -6.28 -7.32
N LYS A 145 0.34 -5.27 -7.00
CA LYS A 145 0.77 -3.90 -7.17
C LYS A 145 0.38 -3.03 -5.97
N ILE A 146 1.20 -2.02 -5.72
CA ILE A 146 0.96 -1.11 -4.62
C ILE A 146 0.06 -0.02 -5.19
N ALA A 147 -0.96 0.34 -4.42
CA ALA A 147 -1.91 1.37 -4.84
C ALA A 147 -2.24 2.31 -3.70
N ASP A 148 -2.98 3.35 -4.03
CA ASP A 148 -3.42 4.37 -3.07
C ASP A 148 -2.25 5.22 -2.57
N PHE A 149 -1.88 6.24 -3.35
CA PHE A 149 -0.76 7.09 -2.93
C PHE A 149 -1.26 8.37 -2.28
N GLY A 150 -2.42 8.28 -1.64
CA GLY A 150 -3.00 9.43 -0.98
C GLY A 150 -2.09 10.07 0.06
N LEU A 151 -1.34 9.26 0.81
CA LEU A 151 -0.45 9.78 1.83
C LEU A 151 1.03 9.71 1.44
N ALA A 152 1.30 9.31 0.21
CA ALA A 152 2.70 9.23 -0.25
C ALA A 152 3.33 10.62 -0.31
N ARG A 153 4.58 10.72 0.10
CA ARG A 153 5.29 11.99 0.08
C ARG A 153 6.72 11.83 -0.42
N LEU A 154 7.24 12.88 -1.04
CA LEU A 154 8.61 12.83 -1.54
C LEU A 154 9.43 13.14 -0.30
N ILE A 155 10.34 12.25 0.06
CA ILE A 155 11.15 12.48 1.24
C ILE A 155 12.08 13.68 1.12
N GLU A 156 11.93 14.63 2.03
CA GLU A 156 12.76 15.84 2.03
C GLU A 156 14.18 15.51 2.45
N ASP A 157 14.56 15.89 3.67
CA ASP A 157 15.90 15.62 4.17
C ASP A 157 16.05 14.11 4.34
N ASN A 158 15.00 13.46 4.84
CA ASN A 158 15.02 12.03 5.04
C ASN A 158 13.73 11.51 5.69
N GLU A 159 12.92 12.41 6.23
CA GLU A 159 11.67 12.02 6.87
C GLU A 159 10.56 13.02 6.63
N PTR A 160 9.40 12.77 7.22
CA PTR A 160 8.24 13.64 7.08
C PTR A 160 7.52 13.77 8.42
O PTR A 160 7.03 12.78 8.96
CB PTR A 160 7.26 13.12 6.04
CG PTR A 160 6.03 13.99 5.92
CD1 PTR A 160 4.94 13.60 5.15
CD2 PTR A 160 5.93 15.19 6.62
CE1 PTR A 160 3.79 14.39 5.07
CE2 PTR A 160 4.81 15.99 6.55
CZ PTR A 160 3.74 15.59 5.78
OH PTR A 160 2.61 16.38 5.70
P PTR A 160 2.44 17.74 6.41
O1P PTR A 160 1.11 18.05 5.82
O2P PTR A 160 2.49 17.27 7.82
O3P PTR A 160 3.63 18.44 5.87
N THR A 161 7.45 14.99 8.95
CA THR A 161 6.78 15.25 10.21
C THR A 161 5.36 15.72 9.94
N ALA A 162 4.40 14.79 9.98
CA ALA A 162 3.00 15.10 9.74
C ALA A 162 2.51 16.24 10.61
N ARG A 163 1.30 16.73 10.33
CA ARG A 163 0.72 17.83 11.11
C ARG A 163 0.60 17.36 12.55
N GLN A 164 1.10 16.16 12.81
CA GLN A 164 1.05 15.57 14.14
C GLN A 164 -0.41 15.39 14.55
N GLY A 165 -1.28 15.32 13.54
CA GLY A 165 -2.70 15.14 13.79
C GLY A 165 -3.25 13.89 13.12
N ALA A 166 -3.04 13.78 11.81
CA ALA A 166 -3.53 12.62 11.05
C ALA A 166 -3.36 11.32 11.83
N LYS A 167 -4.36 10.46 11.75
CA LYS A 167 -4.33 9.17 12.44
C LYS A 167 -4.01 8.05 11.45
N PHE A 168 -3.00 7.25 11.75
CA PHE A 168 -2.60 6.15 10.89
C PHE A 168 -2.88 4.78 11.51
N PRO A 169 -2.96 3.74 10.68
CA PRO A 169 -3.23 2.35 11.11
C PRO A 169 -2.25 1.82 12.16
N ILE A 170 -2.48 2.21 13.41
CA ILE A 170 -1.65 1.80 14.53
C ILE A 170 -0.97 0.43 14.43
N LYS A 171 -1.67 -0.56 13.90
CA LYS A 171 -1.11 -1.90 13.78
C LYS A 171 -0.06 -2.08 12.68
N TRP A 172 -0.13 -1.30 11.61
CA TRP A 172 0.83 -1.39 10.51
C TRP A 172 1.86 -0.27 10.58
N THR A 173 1.58 0.73 11.39
CA THR A 173 2.50 1.85 11.50
C THR A 173 3.57 1.69 12.56
N ALA A 174 4.80 1.96 12.15
CA ALA A 174 5.98 1.86 13.00
C ALA A 174 5.86 2.80 14.20
N PRO A 175 6.40 2.40 15.35
CA PRO A 175 6.36 3.19 16.58
C PRO A 175 6.96 4.60 16.52
N GLU A 176 8.14 4.78 15.91
CA GLU A 176 8.72 6.12 15.85
C GLU A 176 7.93 7.05 14.95
N ALA A 177 7.03 6.50 14.15
CA ALA A 177 6.22 7.31 13.24
C ALA A 177 4.92 7.77 13.89
N ALA A 178 4.31 6.88 14.66
CA ALA A 178 3.05 7.16 15.35
C ALA A 178 3.22 7.83 16.72
N LEU A 179 4.46 8.00 17.16
CA LEU A 179 4.71 8.62 18.45
C LEU A 179 5.44 9.95 18.30
N TYR A 180 6.10 10.15 17.16
CA TYR A 180 6.83 11.38 16.90
C TYR A 180 6.47 11.91 15.52
N GLY A 181 5.70 11.12 14.78
CA GLY A 181 5.31 11.54 13.45
C GLY A 181 6.54 11.59 12.55
N ARG A 182 7.51 10.74 12.87
CA ARG A 182 8.75 10.65 12.11
C ARG A 182 8.66 9.49 11.12
N PHE A 183 8.21 9.81 9.90
CA PHE A 183 8.06 8.82 8.85
C PHE A 183 9.26 8.77 7.92
N THR A 184 9.61 7.56 7.49
CA THR A 184 10.74 7.34 6.60
C THR A 184 10.49 6.07 5.82
N ILE A 185 11.37 5.77 4.87
CA ILE A 185 11.21 4.57 4.08
C ILE A 185 11.29 3.40 5.07
N LYS A 186 12.05 3.59 6.15
CA LYS A 186 12.21 2.56 7.18
C LYS A 186 10.88 2.28 7.88
N SER A 187 9.99 3.27 7.87
CA SER A 187 8.68 3.11 8.49
C SER A 187 7.84 2.15 7.65
N ASP A 188 8.03 2.20 6.33
CA ASP A 188 7.29 1.33 5.42
C ASP A 188 7.84 -0.07 5.63
N VAL A 189 9.13 -0.17 5.95
CA VAL A 189 9.78 -1.45 6.17
C VAL A 189 9.09 -2.14 7.36
N TRP A 190 8.78 -1.35 8.38
CA TRP A 190 8.12 -1.89 9.54
C TRP A 190 6.77 -2.42 9.03
N SER A 191 6.07 -1.62 8.24
CA SER A 191 4.78 -1.99 7.69
C SER A 191 4.89 -3.18 6.77
N PHE A 192 6.01 -3.29 6.08
CA PHE A 192 6.16 -4.42 5.18
C PHE A 192 6.19 -5.66 6.07
N GLY A 193 6.86 -5.49 7.20
CA GLY A 193 7.03 -6.56 8.15
C GLY A 193 5.69 -7.07 8.62
N ILE A 194 4.75 -6.14 8.82
CA ILE A 194 3.43 -6.54 9.28
C ILE A 194 2.57 -7.10 8.14
N LEU A 195 2.93 -6.74 6.90
CA LEU A 195 2.20 -7.21 5.77
C LEU A 195 2.54 -8.67 5.61
N LEU A 196 3.81 -9.02 5.83
CA LEU A 196 4.22 -10.41 5.69
C LEU A 196 3.27 -11.19 6.58
N THR A 197 3.10 -10.68 7.79
CA THR A 197 2.21 -11.29 8.78
C THR A 197 0.87 -11.61 8.14
N GLU A 198 0.28 -10.63 7.47
CA GLU A 198 -1.01 -10.80 6.82
C GLU A 198 -0.92 -11.84 5.70
N LEU A 199 -0.07 -11.55 4.73
CA LEU A 199 0.13 -12.42 3.59
C LEU A 199 0.45 -13.85 3.99
N VAL A 200 0.81 -14.03 5.25
CA VAL A 200 1.14 -15.37 5.71
C VAL A 200 0.03 -16.03 6.52
N THR A 201 -0.88 -15.23 7.07
CA THR A 201 -1.96 -15.81 7.85
C THR A 201 -3.36 -15.63 7.24
N LYS A 202 -3.43 -15.66 5.92
CA LYS A 202 -4.70 -15.52 5.24
C LYS A 202 -5.38 -14.18 5.51
N GLY A 203 -4.60 -13.11 5.59
CA GLY A 203 -5.18 -11.81 5.82
C GLY A 203 -5.77 -11.64 7.21
N ARG A 204 -5.08 -12.15 8.22
CA ARG A 204 -5.54 -12.01 9.59
C ARG A 204 -5.17 -10.61 10.07
N VAL A 205 -5.91 -10.10 11.04
CA VAL A 205 -5.63 -8.78 11.56
C VAL A 205 -4.41 -8.89 12.47
N PRO A 206 -3.39 -8.04 12.26
CA PRO A 206 -2.20 -8.11 13.10
C PRO A 206 -2.52 -7.94 14.57
N TYR A 207 -1.62 -8.43 15.42
CA TYR A 207 -1.76 -8.36 16.87
C TYR A 207 -3.16 -8.77 17.33
N PRO A 208 -3.54 -10.02 17.03
CA PRO A 208 -4.81 -10.68 17.34
C PRO A 208 -5.65 -10.16 18.51
N GLY A 209 -5.35 -10.61 19.72
CA GLY A 209 -6.14 -10.21 20.88
C GLY A 209 -5.98 -8.83 21.49
N MET A 210 -5.18 -7.95 20.90
CA MET A 210 -4.99 -6.62 21.47
C MET A 210 -5.64 -5.48 20.68
N ASN A 211 -5.68 -4.30 21.29
CA ASN A 211 -6.27 -3.14 20.63
C ASN A 211 -5.26 -2.02 20.43
N ASN A 212 -5.52 -1.16 19.45
CA ASN A 212 -4.63 -0.04 19.16
C ASN A 212 -4.02 0.59 20.41
N ARG A 213 -4.77 0.56 21.51
CA ARG A 213 -4.29 1.12 22.77
C ARG A 213 -3.22 0.20 23.34
N GLU A 214 -3.58 -1.08 23.42
CA GLU A 214 -2.68 -2.10 23.94
C GLU A 214 -1.48 -2.27 23.03
N VAL A 215 -1.75 -2.54 21.75
CA VAL A 215 -0.69 -2.75 20.78
C VAL A 215 0.35 -1.64 20.86
N LEU A 216 -0.07 -0.45 21.27
CA LEU A 216 0.84 0.70 21.39
C LEU A 216 1.86 0.51 22.49
N GLU A 217 1.43 -0.07 23.60
CA GLU A 217 2.33 -0.29 24.73
C GLU A 217 3.24 -1.51 24.58
N GLN A 218 2.71 -2.65 24.14
CA GLN A 218 3.58 -3.83 23.99
C GLN A 218 4.76 -3.52 23.08
N VAL A 219 4.43 -3.16 21.84
CA VAL A 219 5.45 -2.84 20.85
C VAL A 219 6.49 -1.90 21.45
N GLU A 220 6.01 -0.86 22.11
CA GLU A 220 6.89 0.12 22.74
C GLU A 220 7.88 -0.58 23.67
N ARG A 221 7.34 -1.23 24.70
CA ARG A 221 8.14 -1.95 25.68
C ARG A 221 9.07 -2.97 25.03
N GLY A 222 8.94 -3.16 23.72
CA GLY A 222 9.81 -4.09 22.99
C GLY A 222 9.22 -5.42 22.59
N TYR A 223 7.92 -5.60 22.80
CA TYR A 223 7.29 -6.86 22.45
C TYR A 223 6.70 -6.84 21.04
N ARG A 224 7.05 -7.85 20.25
CA ARG A 224 6.57 -7.97 18.87
C ARG A 224 5.63 -9.17 18.75
N MET A 225 5.27 -9.52 17.52
CA MET A 225 4.36 -10.66 17.30
C MET A 225 5.21 -11.93 17.20
N PRO A 226 4.60 -13.08 17.54
CA PRO A 226 5.30 -14.36 17.48
C PRO A 226 5.10 -15.01 16.12
N CYS A 227 6.00 -15.93 15.79
CA CYS A 227 5.94 -16.64 14.52
C CYS A 227 4.55 -17.21 14.27
N PRO A 228 3.88 -16.74 13.21
CA PRO A 228 2.53 -17.24 12.90
C PRO A 228 2.59 -18.73 12.56
N GLN A 229 1.46 -19.41 12.68
CA GLN A 229 1.40 -20.83 12.37
C GLN A 229 1.90 -21.16 10.97
N ASP A 230 2.19 -22.43 10.76
CA ASP A 230 2.69 -22.90 9.47
C ASP A 230 3.45 -21.78 8.77
N CYS A 231 4.28 -21.09 9.54
CA CYS A 231 5.09 -19.99 9.01
C CYS A 231 6.54 -20.24 9.42
N PRO A 232 7.42 -20.43 8.42
CA PRO A 232 8.83 -20.68 8.69
C PRO A 232 9.40 -19.70 9.72
N ILE A 233 10.40 -20.13 10.47
CA ILE A 233 11.01 -19.26 11.47
C ILE A 233 11.86 -18.37 10.60
N SER A 234 12.33 -18.96 9.50
CA SER A 234 13.18 -18.30 8.51
C SER A 234 12.69 -16.90 8.18
N LEU A 235 11.45 -16.79 7.71
CA LEU A 235 10.92 -15.48 7.36
C LEU A 235 10.24 -14.75 8.53
N HIS A 236 10.19 -15.39 9.71
CA HIS A 236 9.58 -14.72 10.84
C HIS A 236 10.76 -13.90 11.38
N GLU A 237 11.97 -14.39 11.12
CA GLU A 237 13.19 -13.73 11.55
C GLU A 237 13.31 -12.51 10.65
N LEU A 238 12.69 -12.60 9.48
CA LEU A 238 12.69 -11.53 8.50
C LEU A 238 11.76 -10.46 9.02
N MET A 239 10.67 -10.91 9.64
CA MET A 239 9.66 -10.02 10.21
C MET A 239 10.22 -9.30 11.42
N ILE A 240 10.95 -10.00 12.29
CA ILE A 240 11.51 -9.37 13.48
C ILE A 240 12.62 -8.45 13.05
N HIS A 241 13.11 -8.68 11.85
CA HIS A 241 14.17 -7.86 11.32
C HIS A 241 13.51 -6.54 10.94
N CYS A 242 12.33 -6.63 10.34
CA CYS A 242 11.58 -5.46 9.92
C CYS A 242 10.97 -4.70 11.08
N TRP A 243 10.96 -5.30 12.26
CA TRP A 243 10.39 -4.64 13.44
C TRP A 243 11.38 -4.15 14.49
N LYS A 244 12.61 -3.87 14.07
CA LYS A 244 13.65 -3.39 14.99
C LYS A 244 13.32 -1.97 15.48
N LYS A 245 13.69 -1.64 16.73
CA LYS A 245 13.40 -0.30 17.27
C LYS A 245 14.13 0.79 16.50
N ASP A 246 15.42 0.60 16.27
CA ASP A 246 16.21 1.59 15.53
C ASP A 246 15.94 1.35 14.04
N PRO A 247 15.40 2.33 13.34
CA PRO A 247 15.10 2.21 11.90
C PRO A 247 16.33 1.96 11.04
N GLU A 248 17.47 2.46 11.48
CA GLU A 248 18.71 2.28 10.73
C GLU A 248 19.07 0.81 10.79
N GLU A 249 18.62 0.16 11.85
CA GLU A 249 18.88 -1.25 12.08
C GLU A 249 17.94 -2.16 11.29
N ARG A 250 16.92 -1.58 10.66
CA ARG A 250 15.96 -2.37 9.87
C ARG A 250 16.50 -2.47 8.45
N PRO A 251 16.25 -3.59 7.76
CA PRO A 251 16.75 -3.76 6.40
C PRO A 251 16.22 -2.78 5.34
N THR A 252 16.78 -2.87 4.14
CA THR A 252 16.33 -1.99 3.08
C THR A 252 15.47 -2.85 2.17
N PHE A 253 14.56 -2.24 1.42
CA PHE A 253 13.71 -3.01 0.53
C PHE A 253 14.51 -3.70 -0.55
N GLU A 254 15.69 -3.18 -0.82
CA GLU A 254 16.53 -3.79 -1.85
C GLU A 254 16.80 -5.16 -1.29
N TYR A 255 17.40 -5.18 -0.10
CA TYR A 255 17.73 -6.43 0.57
C TYR A 255 16.49 -7.31 0.61
N LEU A 256 15.43 -6.77 1.20
CA LEU A 256 14.15 -7.46 1.32
C LEU A 256 13.69 -8.08 0.01
N GLN A 257 13.77 -7.32 -1.07
CA GLN A 257 13.34 -7.83 -2.37
C GLN A 257 14.10 -9.08 -2.79
N SER A 258 15.42 -9.07 -2.60
CA SER A 258 16.26 -10.21 -2.97
C SER A 258 16.02 -11.36 -2.03
N PHE A 259 16.00 -11.08 -0.74
CA PHE A 259 15.79 -12.11 0.26
C PHE A 259 14.57 -12.97 -0.07
N LEU A 260 13.43 -12.33 -0.33
CA LEU A 260 12.20 -13.07 -0.65
C LEU A 260 12.25 -13.68 -2.04
N GLU A 261 13.10 -13.10 -2.88
CA GLU A 261 13.26 -13.55 -4.25
C GLU A 261 14.09 -14.84 -4.27
N ASP A 262 14.73 -15.14 -3.16
CA ASP A 262 15.56 -16.35 -3.05
C ASP A 262 15.02 -17.32 -1.99
N TYR A 263 14.77 -18.54 -2.43
CA TYR A 263 14.25 -19.62 -1.58
C TYR A 263 14.26 -20.91 -2.39
O4 STU B . -10.79 0.46 -3.39
C25 STU B . -10.79 -0.96 -3.61
C24 STU B . -9.96 -1.77 -2.59
C23 STU B . -9.51 -0.89 -1.46
C22 STU B . -8.66 0.18 -2.15
C21 STU B . -9.58 1.12 -3.02
C26 STU B . -10.10 2.38 -2.27
N2 STU B . -8.82 1.66 -4.17
C18 STU B . -8.76 0.87 -5.27
C19 STU B . -9.43 -0.36 -5.63
C6 STU B . -9.21 -0.91 -6.94
C7 STU B . -8.36 -0.30 -7.92
C10 STU B . -7.69 0.90 -7.56
C11 STU B . -7.93 1.45 -6.26
C12 STU B . -7.33 2.61 -5.68
C17 STU B . -7.98 2.70 -4.43
C16 STU B . -7.61 3.73 -3.57
C15 STU B . -6.66 4.70 -3.95
C14 STU B . -6.06 4.64 -5.23
C13 STU B . -6.39 3.56 -6.12
C9 STU B . -6.86 1.29 -8.76
N1 STU B . -7.16 0.17 -9.71
C8 STU B . -8.07 -0.74 -9.22
O5 STU B . -8.53 -1.71 -9.84
C5 STU B . -9.97 -2.12 -7.05
C20 STU B . -10.61 -2.21 -5.76
C1 STU B . -11.46 -3.31 -5.48
C2 STU B . -11.63 -4.31 -6.49
C3 STU B . -11.02 -4.19 -7.75
C4 STU B . -10.16 -3.09 -8.05
N3 STU B . -10.28 -1.16 -4.96
O6 STU B . -7.69 -0.52 -2.93
C27 STU B . -6.36 0.03 -2.85
N4 STU B . -8.74 -1.70 -0.51
C28 STU B . -8.42 -0.95 0.75
#